data_4R0S
#
_entry.id   4R0S
#
_cell.length_a   80.138
_cell.length_b   82.765
_cell.length_c   119.898
_cell.angle_alpha   90.00
_cell.angle_beta   90.00
_cell.angle_gamma   90.00
#
_symmetry.space_group_name_H-M   'I 21 21 21'
#
loop_
_entity.id
_entity.type
_entity.pdbx_description
1 polymer 'Protein tyrosine phosphatase TpbA'
2 non-polymer 'PHOSPHATE ION'
3 non-polymer GLYCEROL
4 water water
#
_entity_poly.entity_id   1
_entity_poly.type   'polypeptide(L)'
_entity_poly.pdbx_seq_one_letter_code
;MHRSPLAWLRLLLAAVLGAFLLGGPLHAAETAATRSPAWAQAVDPSINLYRMSPTLYRSALPNAQSVALLQRLQVKTVVS
FIKDDDRAWLGQAPVRVLSLPTHADRVDDAEVLSVLRQLQAAEREGPVLMHCKHGNNRTGLFAAMYRIVVQGWDKQAALE
EMQHGGFGDEDDMRDASAYVRGADVDGLRLAMANGECSPSRFAVCHVREWMAQALDRP
;
_entity_poly.pdbx_strand_id   A,B
#
# COMPACT_ATOMS: atom_id res chain seq x y z
N THR A 34 -8.12 25.70 -17.71
CA THR A 34 -8.80 25.85 -16.39
C THR A 34 -9.10 27.33 -16.04
N ARG A 35 -9.87 28.02 -16.88
CA ARG A 35 -10.35 29.35 -16.49
C ARG A 35 -11.63 29.35 -15.64
N SER A 36 -12.43 28.29 -15.72
CA SER A 36 -13.45 28.00 -14.69
C SER A 36 -12.78 27.63 -13.36
N PRO A 37 -13.14 28.33 -12.26
CA PRO A 37 -12.46 28.03 -10.98
C PRO A 37 -12.81 26.65 -10.42
N ALA A 38 -13.90 26.05 -10.88
CA ALA A 38 -14.29 24.73 -10.40
C ALA A 38 -13.50 23.60 -11.05
N TRP A 39 -12.80 23.88 -12.15
CA TRP A 39 -12.00 22.86 -12.81
C TRP A 39 -10.76 22.54 -12.00
N ALA A 40 -10.13 21.41 -12.31
CA ALA A 40 -8.95 20.96 -11.60
C ALA A 40 -7.83 21.97 -11.73
N GLN A 41 -7.11 22.24 -10.64
CA GLN A 41 -6.07 23.27 -10.61
C GLN A 41 -4.67 22.68 -10.84
N ALA A 42 -3.90 23.32 -11.71
CA ALA A 42 -2.57 22.85 -12.05
C ALA A 42 -1.67 22.89 -10.82
N VAL A 43 -0.84 21.86 -10.68
CA VAL A 43 0.14 21.77 -9.60
C VAL A 43 1.54 21.49 -10.15
N ASP A 44 1.67 20.47 -10.99
CA ASP A 44 2.93 20.17 -11.67
C ASP A 44 2.70 19.71 -13.12
N PRO A 45 2.73 20.66 -14.07
CA PRO A 45 2.50 20.36 -15.49
C PRO A 45 3.47 19.33 -16.13
N SER A 46 4.67 19.18 -15.57
CA SER A 46 5.65 18.25 -16.14
C SER A 46 5.19 16.80 -16.09
N ILE A 47 4.31 16.49 -15.16
CA ILE A 47 3.67 15.17 -15.09
C ILE A 47 2.15 15.30 -15.13
N ASN A 48 1.65 16.40 -15.70
CA ASN A 48 0.22 16.63 -15.89
C ASN A 48 -0.59 16.50 -14.59
N LEU A 49 -0.01 16.97 -13.48
CA LEU A 49 -0.61 16.84 -12.14
C LEU A 49 -1.52 18.01 -11.77
N TYR A 50 -2.79 17.71 -11.50
CA TYR A 50 -3.79 18.72 -11.16
C TYR A 50 -4.54 18.34 -9.88
N ARG A 51 -4.94 19.34 -9.11
CA ARG A 51 -5.75 19.13 -7.92
C ARG A 51 -7.23 19.24 -8.23
N MET A 52 -7.97 18.17 -7.94
CA MET A 52 -9.45 18.21 -7.97
C MET A 52 -10.02 18.61 -6.62
N SER A 53 -9.36 18.20 -5.54
CA SER A 53 -9.81 18.55 -4.19
C SER A 53 -8.64 18.32 -3.27
N PRO A 54 -8.78 18.69 -1.99
CA PRO A 54 -7.73 18.36 -1.02
C PRO A 54 -7.41 16.86 -0.93
N THR A 55 -8.36 16.01 -1.32
CA THR A 55 -8.17 14.58 -1.22
C THR A 55 -8.13 13.85 -2.57
N LEU A 56 -8.08 14.59 -3.68
CA LEU A 56 -8.07 13.94 -4.98
C LEU A 56 -7.25 14.70 -6.03
N TYR A 57 -6.26 13.99 -6.57
CA TYR A 57 -5.37 14.53 -7.59
C TYR A 57 -5.38 13.62 -8.81
N ARG A 58 -4.89 14.18 -9.89
CA ARG A 58 -5.10 13.69 -11.23
C ARG A 58 -3.76 13.87 -11.95
N SER A 59 -3.17 12.82 -12.54
CA SER A 59 -1.90 13.01 -13.25
C SER A 59 -1.59 12.02 -14.36
N ALA A 60 -0.47 12.27 -15.05
CA ALA A 60 0.15 11.29 -15.94
C ALA A 60 1.10 10.43 -15.11
N LEU A 61 1.87 9.58 -15.78
CA LEU A 61 2.83 8.71 -15.08
C LEU A 61 3.86 9.58 -14.33
N PRO A 62 3.90 9.47 -12.98
CA PRO A 62 4.91 10.19 -12.20
C PRO A 62 6.24 9.45 -12.19
N ASN A 63 7.27 10.07 -11.62
CA ASN A 63 8.64 9.52 -11.58
C ASN A 63 9.17 9.60 -10.17
N ALA A 64 10.42 9.17 -9.97
CA ALA A 64 11.06 9.22 -8.64
C ALA A 64 11.10 10.62 -8.03
N GLN A 65 11.30 11.65 -8.85
CA GLN A 65 11.43 13.01 -8.33
C GLN A 65 10.05 13.69 -8.17
N SER A 66 8.97 12.93 -8.29
CA SER A 66 7.63 13.40 -7.95
C SER A 66 7.24 13.05 -6.52
N VAL A 67 8.02 12.17 -5.90
CA VAL A 67 7.66 11.62 -4.59
C VAL A 67 7.57 12.69 -3.51
N ALA A 68 8.59 13.55 -3.45
CA ALA A 68 8.65 14.62 -2.47
C ALA A 68 7.39 15.48 -2.53
N LEU A 69 6.95 15.79 -3.74
CA LEU A 69 5.73 16.59 -3.91
C LEU A 69 4.51 15.83 -3.39
N LEU A 70 4.40 14.55 -3.74
CA LEU A 70 3.23 13.78 -3.33
C LEU A 70 3.14 13.69 -1.80
N GLN A 71 4.29 13.56 -1.16
CA GLN A 71 4.36 13.58 0.29
C GLN A 71 3.90 14.92 0.88
N ARG A 72 4.31 16.03 0.27
CA ARG A 72 3.85 17.36 0.74
C ARG A 72 2.32 17.51 0.58
N LEU A 73 1.78 16.91 -0.47
CA LEU A 73 0.33 16.88 -0.67
C LEU A 73 -0.35 15.86 0.25
N GLN A 74 0.46 15.02 0.90
CA GLN A 74 -0.04 14.00 1.82
C GLN A 74 -0.88 12.96 1.10
N VAL A 75 -0.46 12.56 -0.09
CA VAL A 75 -1.08 11.46 -0.80
C VAL A 75 -0.84 10.16 -0.04
N LYS A 76 -1.91 9.46 0.29
CA LYS A 76 -1.80 8.17 0.99
C LYS A 76 -2.02 6.98 0.07
N THR A 77 -2.64 7.21 -1.08
CA THR A 77 -2.94 6.14 -2.02
C THR A 77 -2.64 6.60 -3.44
N VAL A 78 -1.97 5.74 -4.20
CA VAL A 78 -1.75 6.00 -5.64
C VAL A 78 -2.51 4.98 -6.50
N VAL A 79 -3.45 5.47 -7.31
CA VAL A 79 -4.26 4.63 -8.17
C VAL A 79 -3.76 4.72 -9.60
N SER A 80 -3.41 3.58 -10.19
CA SER A 80 -2.93 3.54 -11.56
C SER A 80 -3.91 2.81 -12.48
N PHE A 81 -4.10 3.36 -13.67
CA PHE A 81 -4.95 2.73 -14.67
C PHE A 81 -4.12 2.04 -15.75
N ILE A 82 -2.83 1.84 -15.47
CA ILE A 82 -1.90 1.14 -16.35
C ILE A 82 -1.19 0.04 -15.56
N LYS A 83 -0.47 -0.82 -16.27
CA LYS A 83 0.17 -1.98 -15.64
C LYS A 83 1.49 -1.67 -14.98
N ASP A 84 2.10 -0.53 -15.30
CA ASP A 84 3.37 -0.13 -14.67
C ASP A 84 3.26 -0.26 -13.15
N ASP A 85 4.30 -0.81 -12.51
CA ASP A 85 4.32 -0.97 -11.07
C ASP A 85 4.84 0.32 -10.41
N ASP A 86 3.92 1.11 -9.86
CA ASP A 86 4.30 2.38 -9.24
C ASP A 86 5.32 2.25 -8.12
N ARG A 87 5.35 1.09 -7.46
CA ARG A 87 6.31 0.85 -6.39
C ARG A 87 7.76 1.01 -6.89
N ALA A 88 7.97 0.87 -8.20
CA ALA A 88 9.29 1.06 -8.79
C ALA A 88 9.80 2.50 -8.70
N TRP A 89 8.89 3.46 -8.78
CA TRP A 89 9.28 4.87 -8.66
C TRP A 89 8.90 5.47 -7.30
N LEU A 90 7.98 4.83 -6.59
CA LEU A 90 7.63 5.26 -5.24
C LEU A 90 8.70 4.89 -4.20
N GLY A 91 9.50 3.89 -4.50
CA GLY A 91 10.47 3.39 -3.52
C GLY A 91 9.78 3.06 -2.20
N GLN A 92 10.32 3.62 -1.12
CA GLN A 92 9.85 3.30 0.22
C GLN A 92 8.78 4.22 0.76
N ALA A 93 8.19 5.04 -0.12
CA ALA A 93 7.12 5.94 0.28
C ALA A 93 6.02 5.13 0.94
N PRO A 94 5.59 5.52 2.15
CA PRO A 94 4.54 4.75 2.80
C PRO A 94 3.16 5.12 2.23
N VAL A 95 2.95 4.81 0.94
CA VAL A 95 1.65 4.99 0.31
C VAL A 95 1.13 3.62 -0.10
N ARG A 96 -0.19 3.50 -0.18
CA ARG A 96 -0.80 2.28 -0.68
C ARG A 96 -0.82 2.38 -2.20
N VAL A 97 -0.49 1.28 -2.87
CA VAL A 97 -0.57 1.20 -4.33
C VAL A 97 -1.84 0.43 -4.70
N LEU A 98 -2.72 1.08 -5.45
CA LEU A 98 -3.94 0.45 -5.94
C LEU A 98 -3.89 0.37 -7.47
N SER A 99 -3.65 -0.83 -7.99
CA SER A 99 -3.48 -1.04 -9.43
C SER A 99 -4.78 -1.50 -10.07
N LEU A 100 -5.28 -0.68 -11.00
CA LEU A 100 -6.52 -0.97 -11.72
C LEU A 100 -6.29 -0.81 -13.20
N PRO A 101 -5.39 -1.63 -13.77
CA PRO A 101 -5.01 -1.49 -15.16
C PRO A 101 -6.22 -1.70 -16.05
N THR A 102 -6.35 -0.88 -17.07
CA THR A 102 -7.51 -0.94 -17.92
C THR A 102 -7.23 -0.37 -19.30
N HIS A 103 -8.24 -0.43 -20.16
CA HIS A 103 -8.18 0.14 -21.50
C HIS A 103 -9.42 0.99 -21.67
N ALA A 104 -9.24 2.25 -22.07
CA ALA A 104 -10.34 3.21 -22.23
C ALA A 104 -11.44 2.68 -23.16
N ASP A 105 -11.05 2.03 -24.26
CA ASP A 105 -12.01 1.52 -25.26
C ASP A 105 -12.78 0.26 -24.81
N ARG A 106 -12.52 -0.21 -23.60
CA ARG A 106 -13.25 -1.36 -23.05
C ARG A 106 -13.91 -1.10 -21.70
N VAL A 107 -13.91 0.15 -21.25
CA VAL A 107 -14.49 0.49 -19.95
C VAL A 107 -15.99 0.50 -20.08
N ASP A 108 -16.68 -0.14 -19.14
CA ASP A 108 -18.14 -0.13 -19.11
C ASP A 108 -18.64 0.41 -17.77
N ASP A 109 -19.95 0.58 -17.68
CA ASP A 109 -20.61 1.12 -16.51
C ASP A 109 -20.19 0.39 -15.25
N ALA A 110 -20.12 -0.94 -15.33
CA ALA A 110 -19.74 -1.77 -14.21
C ALA A 110 -18.35 -1.40 -13.70
N GLU A 111 -17.38 -1.26 -14.63
CA GLU A 111 -16.02 -0.89 -14.25
C GLU A 111 -15.96 0.49 -13.60
N VAL A 112 -16.74 1.44 -14.13
CA VAL A 112 -16.76 2.79 -13.59
C VAL A 112 -17.26 2.83 -12.15
N LEU A 113 -18.35 2.11 -11.88
CA LEU A 113 -18.89 2.04 -10.53
C LEU A 113 -17.85 1.50 -9.55
N SER A 114 -17.15 0.45 -9.97
CA SER A 114 -16.11 -0.16 -9.16
C SER A 114 -14.97 0.79 -8.88
N VAL A 115 -14.52 1.51 -9.91
CA VAL A 115 -13.43 2.47 -9.76
C VAL A 115 -13.85 3.63 -8.85
N LEU A 116 -15.02 4.22 -9.12
CA LEU A 116 -15.52 5.31 -8.29
C LEU A 116 -15.71 4.91 -6.83
N ARG A 117 -16.24 3.72 -6.59
CA ARG A 117 -16.37 3.20 -5.23
C ARG A 117 -15.01 3.11 -4.54
N GLN A 118 -14.03 2.59 -5.27
CA GLN A 118 -12.68 2.43 -4.73
C GLN A 118 -11.97 3.77 -4.53
N LEU A 119 -12.19 4.72 -5.42
CA LEU A 119 -11.61 6.05 -5.26
C LEU A 119 -12.17 6.68 -3.99
N GLN A 120 -13.49 6.62 -3.87
CA GLN A 120 -14.16 7.17 -2.70
C GLN A 120 -13.65 6.56 -1.40
N ALA A 121 -13.49 5.25 -1.38
CA ALA A 121 -13.02 4.57 -0.18
C ALA A 121 -11.60 5.00 0.13
N ALA A 122 -10.78 5.14 -0.91
CA ALA A 122 -9.39 5.56 -0.72
C ALA A 122 -9.33 6.99 -0.16
N GLU A 123 -10.20 7.87 -0.65
CA GLU A 123 -10.29 9.25 -0.15
C GLU A 123 -10.56 9.31 1.35
N ARG A 124 -11.38 8.40 1.84
CA ARG A 124 -11.63 8.29 3.28
C ARG A 124 -10.37 7.97 4.09
N GLU A 125 -9.37 7.36 3.44
CA GLU A 125 -8.09 7.04 4.09
C GLU A 125 -7.16 8.24 4.11
N GLY A 126 -7.38 9.16 3.18
CA GLY A 126 -6.50 10.29 2.97
C GLY A 126 -6.49 10.65 1.49
N PRO A 127 -5.68 11.65 1.11
CA PRO A 127 -5.63 12.09 -0.28
C PRO A 127 -5.16 11.03 -1.28
N VAL A 128 -5.69 11.13 -2.49
CA VAL A 128 -5.56 10.12 -3.53
C VAL A 128 -4.97 10.75 -4.78
N LEU A 129 -4.01 10.06 -5.38
CA LEU A 129 -3.55 10.38 -6.73
C LEU A 129 -3.98 9.26 -7.65
N MET A 130 -4.70 9.62 -8.71
CA MET A 130 -5.02 8.65 -9.75
C MET A 130 -4.35 9.10 -11.05
N HIS A 131 -3.75 8.15 -11.77
CA HIS A 131 -3.03 8.46 -12.99
C HIS A 131 -3.08 7.32 -13.99
N CYS A 132 -2.73 7.65 -15.23
CA CYS A 132 -2.55 6.67 -16.31
C CYS A 132 -1.17 6.94 -16.93
N LYS A 133 -1.04 6.80 -18.25
CA LYS A 133 0.23 7.06 -18.92
C LYS A 133 0.41 8.55 -19.17
N HIS A 134 -0.58 9.14 -19.85
CA HIS A 134 -0.49 10.54 -20.28
C HIS A 134 -1.42 11.47 -19.49
N GLY A 135 -2.19 10.93 -18.56
CA GLY A 135 -3.01 11.73 -17.65
C GLY A 135 -4.23 12.41 -18.22
N ASN A 136 -4.68 11.98 -19.42
CA ASN A 136 -5.78 12.65 -20.13
C ASN A 136 -6.88 11.78 -20.76
N ASN A 137 -6.62 10.50 -21.02
CA ASN A 137 -7.62 9.59 -21.61
C ASN A 137 -8.32 8.71 -20.56
N ARG A 138 -7.59 7.74 -20.01
CA ARG A 138 -8.14 6.88 -18.95
C ARG A 138 -8.46 7.72 -17.71
N THR A 139 -7.49 8.51 -17.27
CA THR A 139 -7.70 9.38 -16.13
C THR A 139 -8.80 10.41 -16.40
N GLY A 140 -8.85 10.93 -17.63
CA GLY A 140 -9.89 11.88 -18.01
C GLY A 140 -11.27 11.27 -17.98
N LEU A 141 -11.37 10.00 -18.36
CA LEU A 141 -12.62 9.24 -18.26
C LEU A 141 -13.05 9.13 -16.79
N PHE A 142 -12.21 8.56 -15.95
CA PHE A 142 -12.59 8.38 -14.55
C PHE A 142 -12.79 9.70 -13.79
N ALA A 143 -11.95 10.69 -14.09
CA ALA A 143 -12.13 12.01 -13.51
C ALA A 143 -13.49 12.58 -13.87
N ALA A 144 -13.82 12.53 -15.16
CA ALA A 144 -15.11 13.02 -15.66
C ALA A 144 -16.27 12.30 -15.00
N MET A 145 -16.17 10.98 -14.88
CA MET A 145 -17.24 10.21 -14.23
C MET A 145 -17.33 10.47 -12.73
N TYR A 146 -16.19 10.77 -12.10
CA TYR A 146 -16.19 11.23 -10.72
C TYR A 146 -16.95 12.55 -10.59
N ARG A 147 -16.68 13.49 -11.50
CA ARG A 147 -17.39 14.77 -11.49
C ARG A 147 -18.89 14.55 -11.58
N ILE A 148 -19.31 13.70 -12.51
CA ILE A 148 -20.74 13.50 -12.79
C ILE A 148 -21.44 12.70 -11.69
N VAL A 149 -20.93 11.51 -11.43
CA VAL A 149 -21.58 10.58 -10.51
C VAL A 149 -21.36 10.99 -9.06
N VAL A 150 -20.14 11.37 -8.72
CA VAL A 150 -19.83 11.70 -7.34
C VAL A 150 -20.17 13.13 -6.99
N GLN A 151 -19.85 14.09 -7.85
CA GLN A 151 -20.10 15.50 -7.53
C GLN A 151 -21.32 16.08 -8.23
N GLY A 152 -22.03 15.27 -9.01
CA GLY A 152 -23.29 15.68 -9.62
C GLY A 152 -23.15 16.74 -10.69
N TRP A 153 -21.99 16.85 -11.34
CA TRP A 153 -21.83 17.77 -12.47
C TRP A 153 -22.71 17.29 -13.64
N ASP A 154 -23.13 18.22 -14.49
CA ASP A 154 -24.03 17.89 -15.61
C ASP A 154 -23.33 17.56 -16.93
N LYS A 155 -22.58 16.47 -16.92
CA LYS A 155 -22.08 15.82 -18.14
C LYS A 155 -21.36 16.69 -19.18
N GLN A 156 -22.08 17.61 -19.83
CA GLN A 156 -21.44 18.55 -20.74
C GLN A 156 -20.31 19.26 -20.00
N ALA A 157 -20.59 19.63 -18.75
CA ALA A 157 -19.64 20.31 -17.91
C ALA A 157 -18.41 19.46 -17.67
N ALA A 158 -18.62 18.20 -17.27
CA ALA A 158 -17.49 17.27 -17.08
C ALA A 158 -16.73 17.03 -18.38
N LEU A 159 -17.47 16.90 -19.48
CA LEU A 159 -16.85 16.76 -20.80
C LEU A 159 -16.00 17.95 -21.18
N GLU A 160 -16.45 19.15 -20.84
CA GLU A 160 -15.69 20.37 -21.17
C GLU A 160 -14.42 20.44 -20.34
N GLU A 161 -14.49 20.04 -19.08
CA GLU A 161 -13.29 19.98 -18.27
C GLU A 161 -12.32 19.02 -18.96
N MET A 162 -12.78 17.81 -19.23
CA MET A 162 -11.97 16.77 -19.90
C MET A 162 -11.24 17.12 -21.20
N GLN A 163 -11.91 17.80 -22.12
CA GLN A 163 -11.37 18.06 -23.45
C GLN A 163 -10.68 19.42 -23.59
N HIS A 164 -10.96 20.33 -22.65
CA HIS A 164 -10.46 21.70 -22.73
C HIS A 164 -9.80 22.23 -21.44
N GLY A 165 -9.48 21.33 -20.51
CA GLY A 165 -8.90 21.73 -19.23
C GLY A 165 -7.37 21.80 -19.23
N GLY A 166 -6.77 21.60 -20.41
CA GLY A 166 -5.31 21.63 -20.55
C GLY A 166 -4.63 20.29 -20.26
N PHE A 167 -5.42 19.22 -20.14
CA PHE A 167 -4.86 17.88 -19.85
C PHE A 167 -4.28 17.26 -21.12
N GLY A 168 -4.81 17.67 -22.27
CA GLY A 168 -4.36 17.20 -23.59
C GLY A 168 -5.32 17.75 -24.63
N ASP A 169 -5.23 17.28 -25.87
CA ASP A 169 -6.21 17.67 -26.90
C ASP A 169 -7.23 16.55 -27.16
N GLU A 170 -8.30 16.89 -27.87
CA GLU A 170 -9.41 15.96 -28.11
C GLU A 170 -8.97 14.67 -28.81
N ASP A 171 -8.05 14.79 -29.76
CA ASP A 171 -7.53 13.65 -30.50
C ASP A 171 -6.93 12.57 -29.57
N ASP A 172 -6.34 13.00 -28.44
CA ASP A 172 -5.76 12.06 -27.46
C ASP A 172 -6.78 11.21 -26.67
N MET A 173 -8.04 11.61 -26.65
CA MET A 173 -9.01 11.06 -25.68
C MET A 173 -10.38 10.71 -26.26
N ARG A 174 -10.41 10.28 -27.53
CA ARG A 174 -11.67 9.92 -28.19
C ARG A 174 -12.42 8.81 -27.47
N ASP A 175 -11.69 7.85 -26.91
CA ASP A 175 -12.30 6.73 -26.20
C ASP A 175 -13.03 7.24 -24.96
N ALA A 176 -12.31 7.96 -24.11
CA ALA A 176 -12.91 8.58 -22.94
C ALA A 176 -14.16 9.36 -23.34
N SER A 177 -14.03 10.17 -24.39
CA SER A 177 -15.13 11.01 -24.85
C SER A 177 -16.36 10.18 -25.25
N ALA A 178 -16.13 9.15 -26.06
CA ALA A 178 -17.22 8.29 -26.53
C ALA A 178 -17.92 7.58 -25.37
N TYR A 179 -17.14 7.11 -24.38
CA TYR A 179 -17.76 6.47 -23.23
C TYR A 179 -18.62 7.45 -22.45
N VAL A 180 -18.06 8.62 -22.15
CA VAL A 180 -18.79 9.60 -21.37
C VAL A 180 -20.07 9.98 -22.08
N ARG A 181 -19.95 10.35 -23.36
CA ARG A 181 -21.12 10.69 -24.19
C ARG A 181 -22.17 9.59 -24.12
N GLY A 182 -21.74 8.34 -24.11
CA GLY A 182 -22.66 7.20 -24.09
C GLY A 182 -23.24 6.78 -22.74
N ALA A 183 -22.56 7.12 -21.65
CA ALA A 183 -22.96 6.61 -20.31
C ALA A 183 -24.32 7.12 -19.81
N ASP A 184 -25.05 6.24 -19.12
CA ASP A 184 -26.33 6.58 -18.50
C ASP A 184 -26.09 7.13 -17.08
N VAL A 185 -26.11 8.44 -16.94
CA VAL A 185 -25.73 9.07 -15.68
C VAL A 185 -26.73 8.74 -14.58
N ASP A 186 -28.02 8.80 -14.90
CA ASP A 186 -29.08 8.48 -13.94
C ASP A 186 -28.91 7.08 -13.35
N GLY A 187 -28.70 6.09 -14.22
CA GLY A 187 -28.48 4.70 -13.81
C GLY A 187 -27.23 4.52 -12.96
N LEU A 188 -26.16 5.20 -13.34
CA LEU A 188 -24.91 5.14 -12.56
C LEU A 188 -25.10 5.74 -11.18
N ARG A 189 -25.84 6.85 -11.10
CA ARG A 189 -26.10 7.48 -9.81
C ARG A 189 -26.96 6.57 -8.95
N LEU A 190 -28.03 6.04 -9.54
CA LEU A 190 -28.91 5.10 -8.86
C LEU A 190 -28.12 3.90 -8.34
N ALA A 191 -27.31 3.32 -9.20
CA ALA A 191 -26.51 2.15 -8.81
C ALA A 191 -25.50 2.50 -7.72
N MET A 192 -24.93 3.71 -7.80
CA MET A 192 -23.99 4.18 -6.79
C MET A 192 -24.68 4.28 -5.42
N ALA A 193 -25.88 4.85 -5.37
CA ALA A 193 -26.66 4.97 -4.12
C ALA A 193 -27.03 3.61 -3.50
N ASN A 194 -27.37 2.66 -4.36
CA ASN A 194 -27.73 1.33 -3.89
C ASN A 194 -26.55 0.43 -3.48
N GLY A 195 -25.33 0.97 -3.48
CA GLY A 195 -24.16 0.29 -2.91
C GLY A 195 -23.90 0.70 -1.48
N THR B 34 5.28 -20.10 24.86
CA THR B 34 5.06 -18.75 25.46
C THR B 34 4.55 -18.83 26.92
N ARG B 35 5.34 -19.47 27.80
CA ARG B 35 5.14 -19.44 29.27
C ARG B 35 5.41 -18.03 29.77
N SER B 36 6.55 -17.46 29.37
CA SER B 36 6.89 -16.10 29.76
C SER B 36 5.82 -15.13 29.24
N PRO B 37 5.22 -14.34 30.15
CA PRO B 37 4.20 -13.39 29.65
C PRO B 37 4.73 -12.31 28.70
N ALA B 38 6.04 -12.06 28.68
CA ALA B 38 6.61 -11.07 27.76
C ALA B 38 6.79 -11.57 26.34
N TRP B 39 6.73 -12.88 26.14
CA TRP B 39 6.84 -13.44 24.79
C TRP B 39 5.57 -13.15 23.97
N ALA B 40 5.70 -13.28 22.65
CA ALA B 40 4.59 -13.02 21.73
C ALA B 40 3.42 -13.93 22.03
N GLN B 41 2.20 -13.37 22.01
CA GLN B 41 1.00 -14.11 22.39
C GLN B 41 0.32 -14.70 21.17
N ALA B 42 -0.06 -15.97 21.27
CA ALA B 42 -0.73 -16.66 20.18
C ALA B 42 -2.07 -16.02 19.88
N VAL B 43 -2.39 -15.89 18.60
CA VAL B 43 -3.67 -15.35 18.15
C VAL B 43 -4.33 -16.31 17.17
N ASP B 44 -3.59 -16.75 16.16
CA ASP B 44 -4.08 -17.77 15.22
C ASP B 44 -2.95 -18.74 14.82
N PRO B 45 -2.80 -19.86 15.57
CA PRO B 45 -1.78 -20.87 15.27
C PRO B 45 -1.81 -21.50 13.87
N SER B 46 -2.97 -21.53 13.21
CA SER B 46 -3.08 -22.13 11.88
C SER B 46 -2.20 -21.42 10.83
N ILE B 47 -1.91 -20.14 11.06
CA ILE B 47 -1.00 -19.37 10.23
C ILE B 47 0.15 -18.80 11.06
N ASN B 48 0.42 -19.44 12.20
CA ASN B 48 1.51 -19.06 13.08
C ASN B 48 1.50 -17.56 13.47
N LEU B 49 0.31 -17.02 13.70
CA LEU B 49 0.11 -15.59 14.00
C LEU B 49 0.18 -15.28 15.49
N TYR B 50 1.12 -14.42 15.89
CA TYR B 50 1.32 -14.03 17.29
C TYR B 50 1.39 -12.52 17.43
N ARG B 51 0.89 -12.03 18.57
CA ARG B 51 0.96 -10.61 18.88
C ARG B 51 2.20 -10.28 19.67
N MET B 52 3.02 -9.38 19.14
CA MET B 52 4.15 -8.82 19.88
C MET B 52 3.74 -7.56 20.63
N SER B 53 2.81 -6.80 20.07
CA SER B 53 2.32 -5.58 20.70
C SER B 53 1.04 -5.20 19.99
N PRO B 54 0.34 -4.18 20.50
CA PRO B 54 -0.82 -3.68 19.77
C PRO B 54 -0.52 -3.25 18.33
N THR B 55 0.75 -2.95 18.03
CA THR B 55 1.12 -2.45 16.70
C THR B 55 2.03 -3.39 15.91
N LEU B 56 2.28 -4.58 16.43
CA LEU B 56 3.20 -5.48 15.76
C LEU B 56 2.81 -6.95 15.93
N TYR B 57 2.59 -7.59 14.78
CA TYR B 57 2.24 -8.99 14.72
C TYR B 57 3.24 -9.74 13.84
N ARG B 58 3.21 -11.04 14.00
CA ARG B 58 4.26 -11.93 13.54
C ARG B 58 3.53 -13.16 12.98
N SER B 59 3.79 -13.58 11.74
CA SER B 59 3.10 -14.76 11.22
C SER B 59 3.84 -15.52 10.11
N ALA B 60 3.25 -16.66 9.74
CA ALA B 60 3.58 -17.35 8.49
C ALA B 60 2.73 -16.76 7.35
N LEU B 61 2.82 -17.36 6.17
CA LEU B 61 2.03 -16.89 5.04
C LEU B 61 0.54 -16.96 5.37
N PRO B 62 -0.16 -15.82 5.36
CA PRO B 62 -1.61 -15.82 5.56
C PRO B 62 -2.35 -16.15 4.28
N ASN B 63 -3.66 -16.28 4.37
CA ASN B 63 -4.54 -16.63 3.24
C ASN B 63 -5.73 -15.68 3.19
N ALA B 64 -6.63 -15.89 2.23
CA ALA B 64 -7.82 -15.04 2.07
C ALA B 64 -8.70 -15.00 3.33
N GLN B 65 -8.77 -16.12 4.05
CA GLN B 65 -9.61 -16.23 5.23
C GLN B 65 -8.95 -15.64 6.48
N SER B 66 -7.77 -15.05 6.33
CA SER B 66 -7.10 -14.35 7.42
C SER B 66 -7.42 -12.85 7.42
N VAL B 67 -8.02 -12.37 6.33
CA VAL B 67 -8.18 -10.93 6.13
C VAL B 67 -9.07 -10.31 7.19
N ALA B 68 -10.21 -10.93 7.43
CA ALA B 68 -11.16 -10.45 8.42
C ALA B 68 -10.47 -10.27 9.78
N LEU B 69 -9.63 -11.21 10.15
CA LEU B 69 -8.92 -11.14 11.41
C LEU B 69 -7.95 -9.96 11.42
N LEU B 70 -7.19 -9.79 10.34
CA LEU B 70 -6.22 -8.70 10.28
C LEU B 70 -6.91 -7.35 10.37
N GLN B 71 -8.08 -7.23 9.75
CA GLN B 71 -8.89 -6.03 9.86
C GLN B 71 -9.35 -5.78 11.31
N ARG B 72 -9.75 -6.82 12.04
CA ARG B 72 -10.12 -6.71 13.45
C ARG B 72 -8.95 -6.22 14.31
N LEU B 73 -7.76 -6.68 13.97
CA LEU B 73 -6.55 -6.24 14.63
C LEU B 73 -6.11 -4.84 14.14
N GLN B 74 -6.74 -4.34 13.09
CA GLN B 74 -6.46 -3.03 12.51
C GLN B 74 -5.06 -2.95 11.93
N VAL B 75 -4.62 -4.02 11.29
CA VAL B 75 -3.36 -4.02 10.58
C VAL B 75 -3.43 -3.05 9.39
N LYS B 76 -2.50 -2.10 9.32
CA LYS B 76 -2.47 -1.13 8.22
C LYS B 76 -1.40 -1.45 7.20
N THR B 77 -0.40 -2.23 7.61
CA THR B 77 0.74 -2.55 6.76
C THR B 77 1.07 -4.03 6.89
N VAL B 78 1.26 -4.70 5.74
CA VAL B 78 1.72 -6.08 5.74
C VAL B 78 3.13 -6.17 5.16
N VAL B 79 4.08 -6.61 5.96
CA VAL B 79 5.47 -6.74 5.57
C VAL B 79 5.79 -8.21 5.27
N SER B 80 6.25 -8.48 4.05
CA SER B 80 6.60 -9.85 3.66
C SER B 80 8.10 -9.98 3.41
N PHE B 81 8.65 -11.09 3.90
CA PHE B 81 10.07 -11.38 3.67
C PHE B 81 10.24 -12.42 2.57
N ILE B 82 9.17 -12.64 1.80
CA ILE B 82 9.17 -13.57 0.66
C ILE B 82 8.63 -12.86 -0.60
N LYS B 83 8.76 -13.50 -1.75
CA LYS B 83 8.39 -12.89 -3.03
C LYS B 83 6.91 -12.98 -3.36
N ASP B 84 6.16 -13.86 -2.68
CA ASP B 84 4.71 -13.98 -2.90
C ASP B 84 4.04 -12.60 -2.82
N ASP B 85 3.14 -12.32 -3.74
CA ASP B 85 2.45 -11.04 -3.77
C ASP B 85 1.23 -11.08 -2.84
N ASP B 86 1.36 -10.49 -1.67
CA ASP B 86 0.28 -10.51 -0.67
C ASP B 86 -1.04 -9.93 -1.18
N ARG B 87 -0.96 -9.03 -2.16
CA ARG B 87 -2.15 -8.43 -2.75
C ARG B 87 -3.07 -9.51 -3.36
N ALA B 88 -2.51 -10.67 -3.69
CA ALA B 88 -3.31 -11.80 -4.20
C ALA B 88 -4.29 -12.37 -3.19
N TRP B 89 -3.90 -12.39 -1.92
CA TRP B 89 -4.80 -12.89 -0.86
C TRP B 89 -5.44 -11.77 -0.04
N LEU B 90 -4.86 -10.57 -0.09
CA LEU B 90 -5.44 -9.41 0.57
C LEU B 90 -6.66 -8.85 -0.19
N GLY B 91 -6.74 -9.13 -1.49
CA GLY B 91 -7.78 -8.55 -2.32
C GLY B 91 -7.80 -7.04 -2.17
N GLN B 92 -8.97 -6.50 -1.89
CA GLN B 92 -9.16 -5.06 -1.85
C GLN B 92 -9.01 -4.47 -0.44
N ALA B 93 -8.42 -5.23 0.48
CA ALA B 93 -8.15 -4.73 1.82
C ALA B 93 -7.34 -3.44 1.70
N PRO B 94 -7.81 -2.35 2.32
CA PRO B 94 -7.03 -1.13 2.25
C PRO B 94 -5.82 -1.17 3.19
N VAL B 95 -4.88 -2.07 2.95
CA VAL B 95 -3.63 -2.12 3.69
C VAL B 95 -2.50 -1.83 2.73
N ARG B 96 -1.39 -1.32 3.26
CA ARG B 96 -0.19 -1.11 2.47
C ARG B 96 0.55 -2.42 2.44
N VAL B 97 1.06 -2.78 1.27
CA VAL B 97 1.94 -3.94 1.10
C VAL B 97 3.39 -3.46 1.04
N LEU B 98 4.21 -3.94 1.96
CA LEU B 98 5.63 -3.64 1.97
C LEU B 98 6.40 -4.95 1.74
N SER B 99 6.94 -5.10 0.54
CA SER B 99 7.64 -6.31 0.14
C SER B 99 9.14 -6.19 0.32
N LEU B 100 9.70 -7.02 1.19
CA LEU B 100 11.14 -7.03 1.47
C LEU B 100 11.65 -8.46 1.38
N PRO B 101 11.53 -9.07 0.18
CA PRO B 101 11.92 -10.46 0.00
C PRO B 101 13.39 -10.64 0.31
N THR B 102 13.72 -11.71 1.02
CA THR B 102 15.07 -11.92 1.47
C THR B 102 15.36 -13.40 1.71
N HIS B 103 16.59 -13.69 2.08
CA HIS B 103 17.03 -15.04 2.41
C HIS B 103 17.74 -14.95 3.75
N ALA B 104 17.32 -15.77 4.70
CA ALA B 104 17.90 -15.76 6.05
C ALA B 104 19.43 -15.93 6.05
N ASP B 105 19.92 -16.82 5.18
CA ASP B 105 21.35 -17.13 5.12
C ASP B 105 22.19 -16.04 4.44
N ARG B 106 21.56 -14.95 4.02
CA ARG B 106 22.28 -13.82 3.44
C ARG B 106 22.05 -12.49 4.17
N VAL B 107 21.29 -12.49 5.27
CA VAL B 107 20.98 -11.21 5.92
C VAL B 107 22.17 -10.76 6.78
N ASP B 108 22.49 -9.47 6.65
CA ASP B 108 23.60 -8.88 7.39
C ASP B 108 23.09 -7.72 8.23
N ASP B 109 23.99 -7.16 9.04
CA ASP B 109 23.67 -6.04 9.92
C ASP B 109 22.98 -4.93 9.17
N ALA B 110 23.48 -4.62 7.98
CA ALA B 110 22.93 -3.53 7.17
C ALA B 110 21.47 -3.78 6.83
N GLU B 111 21.15 -5.00 6.38
CA GLU B 111 19.77 -5.35 6.07
C GLU B 111 18.86 -5.27 7.29
N VAL B 112 19.35 -5.69 8.44
CA VAL B 112 18.59 -5.65 9.68
C VAL B 112 18.22 -4.22 10.09
N LEU B 113 19.19 -3.32 10.04
CA LEU B 113 18.93 -1.92 10.37
C LEU B 113 17.86 -1.34 9.46
N SER B 114 17.94 -1.65 8.17
CA SER B 114 16.96 -1.19 7.19
C SER B 114 15.56 -1.74 7.49
N VAL B 115 15.47 -3.03 7.79
CA VAL B 115 14.19 -3.66 8.09
C VAL B 115 13.61 -3.10 9.38
N LEU B 116 14.42 -3.02 10.44
CA LEU B 116 13.95 -2.46 11.71
C LEU B 116 13.49 -1.00 11.56
N ARG B 117 14.25 -0.20 10.82
CA ARG B 117 13.82 1.17 10.55
C ARG B 117 12.47 1.23 9.85
N GLN B 118 12.29 0.37 8.85
CA GLN B 118 11.04 0.32 8.09
C GLN B 118 9.87 -0.22 8.92
N LEU B 119 10.14 -1.20 9.78
CA LEU B 119 9.09 -1.72 10.67
C LEU B 119 8.63 -0.63 11.61
N GLN B 120 9.61 0.04 12.21
CA GLN B 120 9.32 1.14 13.11
C GLN B 120 8.49 2.23 12.45
N ALA B 121 8.87 2.62 11.24
CA ALA B 121 8.16 3.67 10.53
C ALA B 121 6.73 3.21 10.21
N ALA B 122 6.58 1.94 9.84
CA ALA B 122 5.26 1.39 9.55
C ALA B 122 4.39 1.40 10.80
N GLU B 123 4.97 1.03 11.95
CA GLU B 123 4.25 1.07 13.23
C GLU B 123 3.67 2.43 13.54
N ARG B 124 4.40 3.50 13.18
CA ARG B 124 3.90 4.88 13.33
C ARG B 124 2.64 5.16 12.49
N GLU B 125 2.43 4.37 11.44
CA GLU B 125 1.23 4.46 10.61
C GLU B 125 0.05 3.71 11.20
N GLY B 126 0.34 2.72 12.03
CA GLY B 126 -0.68 1.83 12.57
C GLY B 126 -0.05 0.45 12.74
N PRO B 127 -0.86 -0.53 13.14
CA PRO B 127 -0.35 -1.88 13.38
C PRO B 127 0.22 -2.56 12.15
N VAL B 128 1.21 -3.41 12.39
CA VAL B 128 2.01 -4.03 11.37
C VAL B 128 1.96 -5.55 11.51
N LEU B 129 1.79 -6.24 10.39
CA LEU B 129 2.00 -7.67 10.32
C LEU B 129 3.24 -7.91 9.49
N MET B 130 4.20 -8.64 10.04
CA MET B 130 5.35 -9.08 9.27
C MET B 130 5.32 -10.60 9.22
N HIS B 131 5.57 -11.15 8.04
CA HIS B 131 5.55 -12.60 7.84
C HIS B 131 6.54 -13.06 6.78
N CYS B 132 6.79 -14.35 6.79
CA CYS B 132 7.58 -15.03 5.77
C CYS B 132 6.74 -16.21 5.27
N LYS B 133 7.37 -17.35 4.96
CA LYS B 133 6.63 -18.53 4.50
C LYS B 133 6.07 -19.30 5.68
N HIS B 134 6.97 -19.65 6.62
CA HIS B 134 6.62 -20.49 7.75
C HIS B 134 6.55 -19.76 9.07
N GLY B 135 6.87 -18.47 9.06
CA GLY B 135 6.73 -17.62 10.24
C GLY B 135 7.71 -17.82 11.39
N ASN B 136 8.81 -18.51 11.13
CA ASN B 136 9.77 -18.89 12.19
C ASN B 136 11.27 -18.67 11.93
N ASN B 137 11.69 -18.58 10.66
CA ASN B 137 13.12 -18.39 10.32
C ASN B 137 13.45 -16.93 9.99
N ARG B 138 12.98 -16.44 8.85
CA ARG B 138 13.16 -15.04 8.47
C ARG B 138 12.46 -14.12 9.46
N THR B 139 11.19 -14.41 9.72
CA THR B 139 10.42 -13.63 10.67
C THR B 139 11.01 -13.73 12.07
N GLY B 140 11.47 -14.92 12.44
CA GLY B 140 12.10 -15.13 13.74
C GLY B 140 13.38 -14.34 13.91
N LEU B 141 14.15 -14.23 12.82
CA LEU B 141 15.34 -13.40 12.81
C LEU B 141 14.98 -11.93 13.04
N PHE B 142 14.11 -11.37 12.19
CA PHE B 142 13.74 -9.96 12.34
C PHE B 142 12.99 -9.66 13.67
N ALA B 143 12.13 -10.58 14.08
CA ALA B 143 11.45 -10.44 15.38
C ALA B 143 12.47 -10.37 16.51
N ALA B 144 13.40 -11.33 16.52
CA ALA B 144 14.44 -11.38 17.55
C ALA B 144 15.26 -10.10 17.56
N MET B 145 15.63 -9.62 16.39
CA MET B 145 16.42 -8.40 16.31
C MET B 145 15.61 -7.17 16.73
N TYR B 146 14.31 -7.19 16.46
CA TYR B 146 13.43 -6.15 16.97
C TYR B 146 13.43 -6.18 18.49
N ARG B 147 13.33 -7.37 19.09
CA ARG B 147 13.35 -7.47 20.55
C ARG B 147 14.64 -6.86 21.11
N ILE B 148 15.77 -7.21 20.50
CA ILE B 148 17.07 -6.79 21.01
C ILE B 148 17.34 -5.30 20.76
N VAL B 149 17.28 -4.90 19.51
CA VAL B 149 17.68 -3.55 19.10
C VAL B 149 16.60 -2.54 19.46
N VAL B 150 15.35 -2.87 19.20
CA VAL B 150 14.29 -1.93 19.45
C VAL B 150 13.81 -1.94 20.91
N GLN B 151 13.64 -3.12 21.50
CA GLN B 151 13.10 -3.21 22.87
C GLN B 151 14.18 -3.49 23.93
N GLY B 152 15.42 -3.63 23.50
CA GLY B 152 16.54 -3.75 24.44
C GLY B 152 16.60 -5.07 25.21
N TRP B 153 16.00 -6.13 24.66
CA TRP B 153 16.11 -7.47 25.29
C TRP B 153 17.56 -7.94 25.22
N ASP B 154 17.99 -8.77 26.17
CA ASP B 154 19.41 -9.22 26.20
C ASP B 154 19.66 -10.54 25.46
N LYS B 155 19.49 -10.51 24.14
CA LYS B 155 19.98 -11.55 23.22
C LYS B 155 19.64 -13.01 23.51
N GLN B 156 20.16 -13.58 24.61
CA GLN B 156 19.78 -14.92 25.02
C GLN B 156 18.26 -14.98 25.14
N ALA B 157 17.70 -13.92 25.72
CA ALA B 157 16.26 -13.80 25.90
C ALA B 157 15.52 -13.82 24.58
N ALA B 158 15.95 -12.99 23.63
CA ALA B 158 15.35 -12.98 22.30
C ALA B 158 15.51 -14.34 21.61
N LEU B 159 16.70 -14.94 21.76
CA LEU B 159 16.96 -16.27 21.20
C LEU B 159 16.05 -17.34 21.77
N GLU B 160 15.77 -17.25 23.07
CA GLU B 160 14.88 -18.23 23.71
C GLU B 160 13.46 -18.06 23.22
N GLU B 161 13.02 -16.82 23.02
CA GLU B 161 11.71 -16.60 22.43
C GLU B 161 11.68 -17.24 21.06
N MET B 162 12.65 -16.89 20.23
CA MET B 162 12.86 -17.55 18.97
C MET B 162 13.19 -18.97 19.49
N GLN B 163 13.13 -20.00 18.68
CA GLN B 163 13.55 -21.36 19.15
C GLN B 163 12.62 -22.10 20.13
N HIS B 164 12.05 -21.43 21.15
CA HIS B 164 11.18 -22.13 22.13
C HIS B 164 9.82 -21.47 22.36
N GLY B 165 9.45 -20.52 21.52
CA GLY B 165 8.19 -19.81 21.69
C GLY B 165 7.00 -20.45 20.99
N GLY B 166 7.21 -21.62 20.40
CA GLY B 166 6.17 -22.34 19.68
C GLY B 166 6.02 -21.97 18.22
N PHE B 167 6.97 -21.20 17.68
CA PHE B 167 6.91 -20.74 16.28
C PHE B 167 7.37 -21.84 15.33
N GLY B 168 8.20 -22.75 15.85
CA GLY B 168 8.70 -23.90 15.11
C GLY B 168 9.75 -24.61 15.96
N ASP B 169 10.50 -25.54 15.38
CA ASP B 169 11.64 -26.13 16.12
C ASP B 169 12.99 -25.57 15.62
N GLU B 170 14.05 -25.83 16.40
CA GLU B 170 15.38 -25.28 16.13
C GLU B 170 15.90 -25.62 14.74
N ASP B 171 15.62 -26.84 14.29
CA ASP B 171 16.02 -27.31 12.95
C ASP B 171 15.55 -26.36 11.83
N ASP B 172 14.35 -25.80 12.01
CA ASP B 172 13.76 -24.92 11.00
C ASP B 172 14.45 -23.57 10.85
N MET B 173 15.26 -23.17 11.83
CA MET B 173 15.71 -21.78 11.94
C MET B 173 17.19 -21.61 12.26
N ARG B 174 18.03 -22.52 11.79
CA ARG B 174 19.47 -22.44 12.05
C ARG B 174 20.10 -21.16 11.52
N ASP B 175 19.61 -20.67 10.39
CA ASP B 175 20.15 -19.45 9.78
C ASP B 175 19.87 -18.25 10.69
N ALA B 176 18.61 -18.07 11.03
CA ALA B 176 18.22 -17.03 11.98
C ALA B 176 19.10 -17.10 13.24
N SER B 177 19.22 -18.31 13.79
CA SER B 177 19.99 -18.53 15.01
C SER B 177 21.45 -18.12 14.88
N ALA B 178 22.09 -18.57 13.80
CA ALA B 178 23.50 -18.23 13.56
C ALA B 178 23.68 -16.72 13.40
N TYR B 179 22.77 -16.05 12.69
CA TYR B 179 22.91 -14.61 12.54
C TYR B 179 22.76 -13.89 13.87
N VAL B 180 21.72 -14.23 14.62
CA VAL B 180 21.51 -13.59 15.91
C VAL B 180 22.72 -13.80 16.81
N ARG B 181 23.14 -15.06 16.96
CA ARG B 181 24.34 -15.38 17.76
C ARG B 181 25.53 -14.53 17.35
N GLY B 182 25.67 -14.29 16.06
CA GLY B 182 26.81 -13.54 15.53
C GLY B 182 26.73 -12.02 15.59
N ALA B 183 25.53 -11.47 15.65
CA ALA B 183 25.33 -10.03 15.52
C ALA B 183 25.93 -9.20 16.67
N ASP B 184 26.45 -8.03 16.32
CA ASP B 184 26.96 -7.07 17.30
C ASP B 184 25.85 -6.14 17.77
N VAL B 185 25.27 -6.44 18.92
CA VAL B 185 24.08 -5.73 19.38
C VAL B 185 24.41 -4.27 19.69
N ASP B 186 25.54 -4.03 20.34
CA ASP B 186 25.96 -2.66 20.70
C ASP B 186 26.04 -1.78 19.45
N GLY B 187 26.71 -2.30 18.42
CA GLY B 187 26.89 -1.58 17.17
C GLY B 187 25.58 -1.30 16.48
N LEU B 188 24.69 -2.30 16.49
CA LEU B 188 23.36 -2.14 15.89
C LEU B 188 22.54 -1.08 16.62
N ARG B 189 22.63 -1.05 17.94
CA ARG B 189 21.92 -0.06 18.75
C ARG B 189 22.48 1.32 18.46
N LEU B 190 23.81 1.43 18.50
CA LEU B 190 24.50 2.67 18.19
C LEU B 190 24.09 3.16 16.81
N ALA B 191 24.15 2.28 15.81
CA ALA B 191 23.80 2.65 14.42
C ALA B 191 22.33 3.05 14.30
N MET B 192 21.47 2.37 15.05
CA MET B 192 20.05 2.70 15.08
C MET B 192 19.84 4.12 15.60
N ALA B 193 20.55 4.48 16.67
CA ALA B 193 20.58 5.87 17.14
C ALA B 193 21.35 6.76 16.17
N ASN B 194 22.45 6.22 15.63
CA ASN B 194 23.47 6.88 14.75
C ASN B 194 24.63 7.50 15.53
#